data_7Z65
#
_entry.id   7Z65
#
_cell.length_a   55.060
_cell.length_b   62.340
_cell.length_c   75.170
_cell.angle_alpha   90.000
_cell.angle_beta   90.000
_cell.angle_gamma   90.000
#
_symmetry.space_group_name_H-M   'P 21 21 21'
#
loop_
_entity.id
_entity.type
_entity.pdbx_description
1 polymer 'Chitinase, GH18 family'
2 non-polymer 1,2-ETHANEDIOL
3 water water
#
_entity_poly.entity_id   1
_entity_poly.type   'polypeptide(L)'
_entity_poly.pdbx_seq_one_letter_code
;MVISWIPPYNVPVSFENLEKSFDGYGPADGLSHIAPQFWVPDGNGGISYVTRDDYSMDYMNDDSVKVIRDWGNQYGIKTM
LCIYNGEHGWDWSLVSTSISAANRQSFVDAIVTEMKRLNLHGVEVDLEGPNADSPTDTENFLLFMEKLSDTLSSLGKDLT
IATFASREWDHIPDASHWPELLPLVDGITSMGYEETGINATGDLSYAGQKSMAAGAPEKLMLGMPDHLDSWQGSSALQQV
EWAQDNGVGVALWDMQLRNEAWQRRDIWKALSEIRGPLGTTYT
;
_entity_poly.pdbx_strand_id   A
#
loop_
_chem_comp.id
_chem_comp.type
_chem_comp.name
_chem_comp.formula
EDO non-polymer 1,2-ETHANEDIOL 'C2 H6 O2'
#
# COMPACT_ATOMS: atom_id res chain seq x y z
N MET A 1 -0.01 -1.94 -11.30
CA MET A 1 0.52 -0.91 -10.40
C MET A 1 1.70 -1.52 -9.65
N VAL A 2 2.67 -0.70 -9.24
CA VAL A 2 3.76 -1.13 -8.38
C VAL A 2 3.86 -0.13 -7.24
N ILE A 3 3.67 -0.59 -6.02
CA ILE A 3 3.65 0.29 -4.86
C ILE A 3 4.74 -0.12 -3.90
N SER A 4 5.21 0.86 -3.14
CA SER A 4 6.04 0.58 -1.97
C SER A 4 5.66 1.54 -0.87
N TRP A 5 6.17 1.25 0.32
CA TRP A 5 5.89 2.01 1.53
C TRP A 5 7.15 2.58 2.13
N ILE A 6 6.99 3.75 2.72
CA ILE A 6 7.97 4.30 3.65
C ILE A 6 7.39 4.13 5.04
N PRO A 7 7.85 3.18 5.83
CA PRO A 7 7.33 3.05 7.20
C PRO A 7 7.74 4.23 8.03
N PRO A 8 7.11 4.44 9.19
CA PRO A 8 7.37 5.65 9.98
C PRO A 8 8.62 5.56 10.84
N TYR A 9 9.38 4.48 10.72
CA TYR A 9 10.67 4.30 11.37
C TYR A 9 11.74 4.11 10.32
N ASN A 10 12.98 4.44 10.69
CA ASN A 10 14.13 4.35 9.78
CA ASN A 10 14.11 4.32 9.76
C ASN A 10 13.89 5.17 8.52
N VAL A 11 13.17 6.29 8.66
CA VAL A 11 12.85 7.12 7.49
C VAL A 11 14.09 7.61 6.76
N PRO A 12 15.18 8.02 7.41
CA PRO A 12 16.36 8.43 6.63
C PRO A 12 16.84 7.38 5.64
N VAL A 13 16.76 6.11 6.01
CA VAL A 13 17.18 5.03 5.12
C VAL A 13 16.28 4.98 3.90
N SER A 14 14.96 4.98 4.13
CA SER A 14 14.02 4.96 3.02
C SER A 14 14.21 6.15 2.10
N PHE A 15 14.43 7.34 2.67
CA PHE A 15 14.61 8.54 1.84
C PHE A 15 15.85 8.43 0.97
N GLU A 16 16.95 7.90 1.54
CA GLU A 16 18.13 7.71 0.71
C GLU A 16 17.86 6.74 -0.43
N ASN A 17 17.03 5.74 -0.19
CA ASN A 17 16.79 4.73 -1.20
C ASN A 17 15.90 5.20 -2.33
N LEU A 18 15.07 6.22 -2.09
CA LEU A 18 14.23 6.73 -3.17
C LEU A 18 15.06 7.18 -4.36
N GLU A 19 16.25 7.72 -4.13
CA GLU A 19 17.03 8.27 -5.23
C GLU A 19 18.08 7.30 -5.74
N LYS A 20 18.10 6.05 -5.30
CA LYS A 20 19.12 5.12 -5.75
C LYS A 20 18.80 4.59 -7.13
N SER A 21 19.86 4.36 -7.90
CA SER A 21 19.78 3.76 -9.21
C SER A 21 20.80 2.64 -9.22
N PHE A 22 20.31 1.41 -9.30
CA PHE A 22 21.17 0.24 -9.20
C PHE A 22 21.62 -0.12 -10.61
N ASP A 23 22.80 0.37 -10.99
CA ASP A 23 23.31 0.17 -12.35
CA ASP A 23 23.31 0.18 -12.35
C ASP A 23 22.24 0.52 -13.39
N GLY A 24 21.52 1.62 -13.16
CA GLY A 24 20.61 2.18 -14.14
C GLY A 24 19.15 2.18 -13.76
N TYR A 25 18.74 1.33 -12.83
CA TYR A 25 17.31 1.20 -12.52
C TYR A 25 17.11 1.18 -11.01
N GLY A 26 16.08 1.86 -10.55
CA GLY A 26 15.74 1.90 -9.15
C GLY A 26 14.32 2.35 -8.93
N PRO A 27 14.02 2.76 -7.69
CA PRO A 27 12.64 3.15 -7.35
C PRO A 27 11.99 4.14 -8.32
N ALA A 28 12.72 5.13 -8.81
CA ALA A 28 12.13 6.10 -9.72
C ALA A 28 11.63 5.44 -11.00
N ASP A 29 12.21 4.31 -11.38
CA ASP A 29 11.81 3.58 -12.59
C ASP A 29 10.78 2.50 -12.31
N GLY A 30 10.76 1.98 -11.09
CA GLY A 30 9.98 0.80 -10.78
C GLY A 30 8.64 1.03 -10.13
N LEU A 31 8.51 2.10 -9.34
CA LEU A 31 7.29 2.36 -8.61
C LEU A 31 6.35 3.27 -9.39
N SER A 32 5.06 2.95 -9.35
CA SER A 32 4.04 3.91 -9.72
C SER A 32 3.47 4.66 -8.52
N HIS A 33 3.57 4.11 -7.33
CA HIS A 33 2.94 4.67 -6.14
C HIS A 33 3.89 4.49 -4.97
N ILE A 34 3.89 5.47 -4.07
CA ILE A 34 4.67 5.42 -2.85
C ILE A 34 3.79 5.85 -1.69
N ALA A 35 3.84 5.10 -0.60
CA ALA A 35 2.89 5.26 0.50
C ALA A 35 3.65 5.51 1.80
N PRO A 36 3.77 6.74 2.26
CA PRO A 36 4.35 7.01 3.59
C PRO A 36 3.32 6.67 4.66
N GLN A 37 3.60 5.60 5.43
CA GLN A 37 2.64 5.06 6.38
C GLN A 37 2.75 5.84 7.69
N PHE A 38 2.31 7.11 7.63
CA PHE A 38 2.57 8.10 8.67
C PHE A 38 1.31 8.52 9.44
N TRP A 39 0.12 8.03 9.06
CA TRP A 39 -1.13 8.47 9.67
C TRP A 39 -1.88 7.29 10.29
N VAL A 40 -2.64 7.60 11.34
CA VAL A 40 -3.42 6.62 12.09
C VAL A 40 -4.79 7.20 12.38
N PRO A 41 -5.78 6.32 12.57
CA PRO A 41 -7.10 6.79 13.03
C PRO A 41 -7.05 7.13 14.51
N ASP A 42 -7.73 8.21 14.89
N ASP A 42 -7.72 8.22 14.87
CA ASP A 42 -7.83 8.56 16.29
CA ASP A 42 -7.84 8.57 16.29
C ASP A 42 -9.03 7.93 16.99
C ASP A 42 -8.85 7.66 16.99
N GLY A 43 -9.81 7.13 16.26
CA GLY A 43 -10.90 6.33 16.82
C GLY A 43 -12.24 7.01 16.80
N ASN A 44 -12.28 8.34 16.66
CA ASN A 44 -13.53 9.09 16.70
C ASN A 44 -13.86 9.71 15.36
N GLY A 45 -13.21 9.28 14.28
CA GLY A 45 -13.41 9.83 12.97
C GLY A 45 -12.25 10.65 12.48
N GLY A 46 -11.37 11.08 13.38
CA GLY A 46 -10.22 11.84 12.96
C GLY A 46 -9.04 10.98 12.58
N ILE A 47 -8.04 11.63 12.01
CA ILE A 47 -6.76 10.99 11.76
C ILE A 47 -5.66 11.94 12.22
N SER A 48 -4.50 11.37 12.49
CA SER A 48 -3.36 12.11 13.01
CA SER A 48 -3.37 12.13 12.97
C SER A 48 -2.08 11.45 12.54
N TYR A 49 -0.99 12.18 12.62
CA TYR A 49 0.31 11.57 12.42
C TYR A 49 0.60 10.61 13.58
N VAL A 50 1.41 9.59 13.28
N VAL A 50 1.42 9.61 13.27
CA VAL A 50 1.88 8.74 14.35
CA VAL A 50 2.04 8.73 14.24
C VAL A 50 2.66 9.59 15.35
C VAL A 50 2.75 9.56 15.31
N THR A 51 2.79 9.05 16.56
CA THR A 51 3.51 9.69 17.65
C THR A 51 4.58 8.83 18.31
N ARG A 52 4.71 7.54 17.98
CA ARG A 52 5.61 6.67 18.74
C ARG A 52 7.00 7.25 18.80
N ASP A 53 7.52 7.41 20.01
CA ASP A 53 8.80 8.10 20.12
C ASP A 53 9.98 7.26 19.68
N ASP A 54 9.81 5.96 19.44
CA ASP A 54 10.88 5.17 18.83
C ASP A 54 10.80 5.13 17.32
N TYR A 55 9.89 5.87 16.73
CA TYR A 55 9.81 6.03 15.29
C TYR A 55 10.52 7.32 14.90
N SER A 56 10.48 7.65 13.61
CA SER A 56 11.26 8.76 13.07
C SER A 56 10.47 10.06 13.26
N MET A 57 10.40 10.53 14.50
CA MET A 57 9.47 11.61 14.80
C MET A 57 9.85 12.93 14.14
N ASP A 58 11.10 13.13 13.79
CA ASP A 58 11.50 14.33 13.06
C ASP A 58 11.05 14.32 11.61
N TYR A 59 10.44 13.23 11.15
CA TYR A 59 9.90 13.13 9.80
C TYR A 59 8.38 13.05 9.78
N MET A 60 7.71 13.03 10.93
CA MET A 60 6.25 12.93 10.96
C MET A 60 5.66 14.34 10.85
N ASN A 61 5.83 14.91 9.66
CA ASN A 61 5.44 16.30 9.46
C ASN A 61 5.19 16.56 7.97
N ASP A 62 4.52 17.68 7.71
CA ASP A 62 4.12 18.02 6.35
C ASP A 62 5.32 18.20 5.45
N ASP A 63 6.38 18.83 5.93
CA ASP A 63 7.53 19.09 5.07
C ASP A 63 8.16 17.79 4.59
N SER A 64 8.23 16.78 5.46
CA SER A 64 8.81 15.50 5.09
C SER A 64 7.91 14.77 4.11
N VAL A 65 6.60 14.86 4.31
CA VAL A 65 5.69 14.25 3.35
C VAL A 65 5.85 14.89 2.00
N LYS A 66 6.05 16.21 1.98
CA LYS A 66 6.21 16.93 0.72
CA LYS A 66 6.20 16.90 0.70
C LYS A 66 7.52 16.60 0.03
N VAL A 67 8.57 16.25 0.79
CA VAL A 67 9.78 15.72 0.16
C VAL A 67 9.47 14.49 -0.69
N ILE A 68 8.67 13.58 -0.15
CA ILE A 68 8.30 12.38 -0.88
C ILE A 68 7.45 12.75 -2.10
N ARG A 69 6.42 13.56 -1.88
CA ARG A 69 5.54 13.98 -2.95
C ARG A 69 6.32 14.65 -4.08
N ASP A 70 7.20 15.56 -3.73
CA ASP A 70 7.96 16.28 -4.74
C ASP A 70 8.95 15.36 -5.45
N TRP A 71 9.54 14.41 -4.72
CA TRP A 71 10.37 13.39 -5.37
C TRP A 71 9.56 12.65 -6.42
N GLY A 72 8.39 12.14 -6.04
CA GLY A 72 7.60 11.36 -6.96
C GLY A 72 7.08 12.17 -8.13
N ASN A 73 6.77 13.46 -7.90
CA ASN A 73 6.24 14.30 -8.95
C ASN A 73 7.22 14.47 -10.09
N GLN A 74 8.52 14.34 -9.82
CA GLN A 74 9.51 14.39 -10.90
C GLN A 74 9.24 13.35 -11.96
N TYR A 75 8.69 12.21 -11.55
CA TYR A 75 8.60 11.03 -12.39
C TYR A 75 7.18 10.65 -12.75
N GLY A 76 6.18 11.36 -12.23
CA GLY A 76 4.80 10.91 -12.40
C GLY A 76 4.36 9.86 -11.40
N ILE A 77 5.15 9.64 -10.36
CA ILE A 77 4.84 8.70 -9.29
C ILE A 77 3.87 9.38 -8.34
N LYS A 78 2.91 8.59 -7.83
CA LYS A 78 1.83 9.09 -6.99
CA LYS A 78 1.85 9.12 -6.98
C LYS A 78 2.15 8.82 -5.53
N THR A 79 2.05 9.86 -4.71
CA THR A 79 2.24 9.71 -3.28
C THR A 79 0.88 9.59 -2.63
N MET A 80 0.70 8.54 -1.86
CA MET A 80 -0.60 8.19 -1.31
C MET A 80 -0.63 8.53 0.17
N LEU A 81 -1.67 9.21 0.60
CA LEU A 81 -1.96 9.33 2.02
CA LEU A 81 -1.93 9.32 2.03
C LEU A 81 -2.21 7.93 2.57
N CYS A 82 -1.35 7.46 3.45
CA CYS A 82 -1.38 6.08 3.89
C CYS A 82 -1.82 6.04 5.34
N ILE A 83 -3.02 5.53 5.57
CA ILE A 83 -3.65 5.46 6.87
CA ILE A 83 -3.59 5.46 6.90
C ILE A 83 -3.60 4.00 7.33
N TYR A 84 -3.03 3.76 8.52
CA TYR A 84 -2.93 2.41 9.04
C TYR A 84 -3.26 2.40 10.52
N ASN A 85 -3.52 1.21 11.05
CA ASN A 85 -3.90 1.04 12.45
C ASN A 85 -2.94 0.10 13.16
N GLY A 86 -1.67 0.17 12.79
CA GLY A 86 -0.65 -0.75 13.27
C GLY A 86 0.43 -0.11 14.12
N GLU A 87 0.19 1.12 14.61
CA GLU A 87 1.24 1.84 15.33
C GLU A 87 1.76 1.03 16.51
N HIS A 88 0.86 0.38 17.24
CA HIS A 88 1.21 -0.45 18.39
C HIS A 88 0.78 -1.89 18.14
N GLY A 89 0.97 -2.36 16.91
CA GLY A 89 0.36 -3.59 16.48
C GLY A 89 -1.04 -3.33 15.96
N TRP A 90 -1.53 -4.25 15.13
CA TRP A 90 -2.83 -4.02 14.52
C TRP A 90 -3.90 -3.91 15.60
N ASP A 91 -4.64 -2.80 15.57
CA ASP A 91 -5.65 -2.48 16.58
C ASP A 91 -6.95 -2.17 15.86
N TRP A 92 -7.79 -3.20 15.67
CA TRP A 92 -9.03 -3.00 14.93
C TRP A 92 -9.99 -2.08 15.67
N SER A 93 -9.90 -1.97 16.99
CA SER A 93 -10.85 -1.13 17.72
C SER A 93 -10.80 0.31 17.25
N LEU A 94 -9.62 0.79 16.81
CA LEU A 94 -9.53 2.13 16.26
C LEU A 94 -10.30 2.26 14.96
N VAL A 95 -10.42 1.18 14.21
CA VAL A 95 -11.10 1.21 12.94
C VAL A 95 -12.59 1.00 13.12
N SER A 96 -12.97 0.07 14.00
CA SER A 96 -14.39 -0.24 14.20
CA SER A 96 -14.39 -0.23 14.16
C SER A 96 -15.17 1.02 14.58
N THR A 97 -14.61 1.85 15.46
CA THR A 97 -15.32 3.06 15.86
C THR A 97 -15.24 4.15 14.80
N SER A 98 -14.25 4.09 13.90
CA SER A 98 -14.14 5.06 12.81
C SER A 98 -15.13 4.77 11.69
N ILE A 99 -15.45 3.49 11.44
CA ILE A 99 -16.30 3.12 10.32
C ILE A 99 -17.75 2.91 10.73
N SER A 100 -18.06 3.10 12.01
CA SER A 100 -19.44 3.02 12.47
C SER A 100 -20.28 4.08 11.76
N ALA A 101 -21.60 3.89 11.78
CA ALA A 101 -22.48 4.87 11.15
C ALA A 101 -22.26 6.26 11.73
N ALA A 102 -21.97 6.35 13.03
CA ALA A 102 -21.82 7.66 13.65
C ALA A 102 -20.62 8.43 13.10
N ASN A 103 -19.52 7.74 12.80
CA ASN A 103 -18.27 8.41 12.50
C ASN A 103 -17.80 8.25 11.05
N ARG A 104 -18.47 7.41 10.27
CA ARG A 104 -17.93 7.00 8.98
C ARG A 104 -17.72 8.19 8.04
N GLN A 105 -18.72 9.06 7.94
CA GLN A 105 -18.56 10.24 7.08
C GLN A 105 -17.42 11.12 7.57
N SER A 106 -17.35 11.38 8.88
CA SER A 106 -16.27 12.22 9.40
CA SER A 106 -16.27 12.22 9.40
C SER A 106 -14.91 11.61 9.11
N PHE A 107 -14.82 10.27 9.15
CA PHE A 107 -13.57 9.57 8.88
C PHE A 107 -13.14 9.75 7.43
N VAL A 108 -14.06 9.54 6.49
CA VAL A 108 -13.78 9.82 5.09
C VAL A 108 -13.34 11.27 4.93
N ASP A 109 -14.09 12.19 5.54
CA ASP A 109 -13.77 13.61 5.40
C ASP A 109 -12.37 13.89 5.91
N ALA A 110 -11.99 13.32 7.04
CA ALA A 110 -10.69 13.61 7.63
C ALA A 110 -9.57 13.10 6.73
N ILE A 111 -9.74 11.89 6.18
CA ILE A 111 -8.75 11.32 5.28
C ILE A 111 -8.62 12.18 4.03
N VAL A 112 -9.74 12.51 3.41
CA VAL A 112 -9.69 13.25 2.16
C VAL A 112 -9.14 14.65 2.39
N THR A 113 -9.55 15.30 3.48
CA THR A 113 -9.01 16.62 3.80
C THR A 113 -7.50 16.59 3.91
N GLU A 114 -6.96 15.59 4.60
CA GLU A 114 -5.52 15.51 4.80
C GLU A 114 -4.79 15.26 3.48
N MET A 115 -5.37 14.39 2.65
CA MET A 115 -4.78 14.14 1.33
C MET A 115 -4.76 15.42 0.49
N LYS A 116 -5.88 16.14 0.47
CA LYS A 116 -5.98 17.34 -0.35
C LYS A 116 -5.02 18.41 0.14
N ARG A 117 -4.91 18.54 1.47
CA ARG A 117 -4.11 19.60 2.07
C ARG A 117 -2.66 19.49 1.65
N LEU A 118 -2.17 18.26 1.52
CA LEU A 118 -0.78 18.00 1.16
C LEU A 118 -0.60 17.78 -0.33
N ASN A 119 -1.66 17.94 -1.13
CA ASN A 119 -1.60 17.76 -2.58
C ASN A 119 -1.14 16.36 -2.96
N LEU A 120 -1.66 15.38 -2.22
CA LEU A 120 -1.33 13.98 -2.51
C LEU A 120 -2.30 13.43 -3.55
N HIS A 121 -1.99 12.20 -4.01
CA HIS A 121 -2.56 11.66 -5.23
C HIS A 121 -3.60 10.59 -4.98
N GLY A 122 -3.84 10.24 -3.73
CA GLY A 122 -4.82 9.21 -3.41
C GLY A 122 -4.63 8.79 -1.98
N VAL A 123 -5.25 7.66 -1.65
CA VAL A 123 -5.24 7.12 -0.30
C VAL A 123 -4.92 5.64 -0.41
N GLU A 124 -3.96 5.20 0.40
CA GLU A 124 -3.66 3.79 0.64
C GLU A 124 -4.23 3.41 2.00
N VAL A 125 -5.18 2.47 2.01
CA VAL A 125 -5.88 2.04 3.22
C VAL A 125 -5.22 0.78 3.76
N ASP A 126 -4.56 0.89 4.91
CA ASP A 126 -3.86 -0.22 5.56
C ASP A 126 -4.46 -0.42 6.94
N LEU A 127 -5.76 -0.64 6.94
CA LEU A 127 -6.53 -0.86 8.16
C LEU A 127 -6.81 -2.36 8.29
N GLU A 128 -6.24 -2.97 9.30
CA GLU A 128 -6.16 -4.43 9.36
C GLU A 128 -6.69 -4.95 10.69
N GLY A 129 -7.50 -6.00 10.62
CA GLY A 129 -8.10 -6.60 11.77
C GLY A 129 -7.91 -8.10 11.81
N PRO A 130 -6.77 -8.56 12.30
CA PRO A 130 -6.58 -10.01 12.44
C PRO A 130 -7.68 -10.58 13.32
N ASN A 131 -8.33 -11.63 12.82
CA ASN A 131 -9.35 -12.37 13.54
C ASN A 131 -10.55 -11.51 13.91
N ALA A 132 -10.75 -10.37 13.26
CA ALA A 132 -11.72 -9.39 13.72
C ALA A 132 -12.93 -9.28 12.81
N ASP A 133 -13.06 -10.13 11.80
CA ASP A 133 -14.19 -10.01 10.91
C ASP A 133 -15.49 -10.39 11.62
N SER A 134 -16.56 -9.73 11.19
CA SER A 134 -17.91 -10.03 11.63
C SER A 134 -18.85 -9.49 10.57
N PRO A 135 -20.12 -9.86 10.61
CA PRO A 135 -21.07 -9.29 9.65
C PRO A 135 -21.12 -7.76 9.72
N THR A 136 -21.17 -7.22 10.94
CA THR A 136 -21.22 -5.78 11.12
C THR A 136 -19.96 -5.13 10.58
N ASP A 137 -18.80 -5.72 10.88
CA ASP A 137 -17.55 -5.10 10.47
C ASP A 137 -17.37 -5.16 8.97
N THR A 138 -17.75 -6.26 8.32
CA THR A 138 -17.68 -6.35 6.88
C THR A 138 -18.58 -5.29 6.25
N GLU A 139 -19.83 -5.18 6.72
CA GLU A 139 -20.74 -4.19 6.15
C GLU A 139 -20.16 -2.80 6.29
N ASN A 140 -19.76 -2.44 7.50
CA ASN A 140 -19.32 -1.08 7.76
C ASN A 140 -18.04 -0.77 7.04
N PHE A 141 -17.13 -1.74 6.96
CA PHE A 141 -15.86 -1.48 6.28
C PHE A 141 -16.10 -1.29 4.79
N LEU A 142 -17.00 -2.08 4.20
CA LEU A 142 -17.30 -1.90 2.78
C LEU A 142 -18.06 -0.61 2.52
N LEU A 143 -18.94 -0.20 3.45
CA LEU A 143 -19.60 1.09 3.30
C LEU A 143 -18.59 2.22 3.36
N PHE A 144 -17.63 2.12 4.29
CA PHE A 144 -16.55 3.09 4.37
C PHE A 144 -15.77 3.13 3.06
N MET A 145 -15.36 1.97 2.54
CA MET A 145 -14.55 1.98 1.32
C MET A 145 -15.34 2.52 0.15
N GLU A 146 -16.64 2.23 0.08
CA GLU A 146 -17.45 2.74 -1.02
C GLU A 146 -17.57 4.25 -0.96
N LYS A 147 -17.82 4.79 0.23
CA LYS A 147 -17.92 6.25 0.36
C LYS A 147 -16.59 6.91 0.03
N LEU A 148 -15.49 6.35 0.54
CA LEU A 148 -14.18 6.88 0.23
C LEU A 148 -13.91 6.78 -1.28
N SER A 149 -14.25 5.65 -1.88
CA SER A 149 -14.05 5.47 -3.32
C SER A 149 -14.84 6.50 -4.12
N ASP A 150 -16.12 6.68 -3.78
CA ASP A 150 -16.92 7.66 -4.51
C ASP A 150 -16.32 9.05 -4.38
N THR A 151 -15.85 9.40 -3.18
CA THR A 151 -15.32 10.74 -2.96
C THR A 151 -14.03 10.93 -3.74
N LEU A 152 -13.13 9.95 -3.66
CA LEU A 152 -11.87 10.07 -4.39
C LEU A 152 -12.08 10.05 -5.89
N SER A 153 -13.00 9.23 -6.38
CA SER A 153 -13.29 9.22 -7.80
CA SER A 153 -13.30 9.23 -7.80
C SER A 153 -13.69 10.62 -8.29
N SER A 154 -14.51 11.32 -7.51
CA SER A 154 -14.97 12.64 -7.91
CA SER A 154 -14.97 12.65 -7.90
C SER A 154 -13.84 13.65 -7.97
N LEU A 155 -12.73 13.38 -7.26
CA LEU A 155 -11.55 14.22 -7.25
C LEU A 155 -10.47 13.72 -8.21
N GLY A 156 -10.71 12.62 -8.90
CA GLY A 156 -9.69 12.08 -9.79
C GLY A 156 -8.50 11.49 -9.06
N LYS A 157 -8.70 11.02 -7.84
CA LYS A 157 -7.61 10.51 -7.03
C LYS A 157 -7.69 8.98 -6.95
N ASP A 158 -6.55 8.35 -6.68
CA ASP A 158 -6.48 6.89 -6.62
C ASP A 158 -6.84 6.36 -5.24
N LEU A 159 -7.35 5.13 -5.20
CA LEU A 159 -7.67 4.44 -3.95
C LEU A 159 -7.07 3.06 -4.01
N THR A 160 -6.21 2.75 -3.05
CA THR A 160 -5.60 1.44 -2.94
C THR A 160 -5.78 0.94 -1.52
N ILE A 161 -5.71 -0.38 -1.35
CA ILE A 161 -5.96 -1.00 -0.06
C ILE A 161 -5.03 -2.18 0.09
N ALA A 162 -4.59 -2.47 1.30
CA ALA A 162 -3.86 -3.69 1.61
C ALA A 162 -4.75 -4.59 2.45
N THR A 163 -4.71 -5.90 2.18
CA THR A 163 -5.50 -6.87 2.92
C THR A 163 -4.66 -8.08 3.27
N PHE A 164 -5.18 -8.90 4.17
CA PHE A 164 -4.56 -10.18 4.38
C PHE A 164 -4.69 -11.00 3.11
N ALA A 165 -3.76 -11.94 2.93
CA ALA A 165 -3.61 -12.66 1.67
C ALA A 165 -4.46 -13.91 1.57
N SER A 166 -4.96 -14.41 2.68
CA SER A 166 -5.74 -15.64 2.75
C SER A 166 -7.22 -15.29 2.78
N ARG A 167 -8.06 -16.31 2.65
CA ARG A 167 -9.49 -16.10 2.87
C ARG A 167 -10.09 -16.98 3.93
N GLU A 168 -9.37 -17.98 4.42
CA GLU A 168 -9.98 -19.02 5.23
C GLU A 168 -10.09 -18.66 6.71
N TRP A 169 -9.43 -17.61 7.18
CA TRP A 169 -9.58 -17.14 8.56
C TRP A 169 -10.56 -15.98 8.61
N ASP A 170 -10.88 -15.56 9.83
CA ASP A 170 -11.81 -14.45 10.03
C ASP A 170 -11.08 -13.12 10.11
N HIS A 171 -10.17 -12.88 9.17
CA HIS A 171 -9.45 -11.63 9.11
C HIS A 171 -10.25 -10.62 8.30
N ILE A 172 -10.13 -9.35 8.67
CA ILE A 172 -10.76 -8.29 7.90
C ILE A 172 -9.76 -7.17 7.68
N PRO A 173 -9.63 -6.68 6.43
CA PRO A 173 -10.09 -7.27 5.19
C PRO A 173 -9.16 -8.40 4.79
N ASP A 174 -9.68 -9.42 4.11
CA ASP A 174 -8.84 -10.46 3.55
C ASP A 174 -9.31 -10.75 2.13
N ALA A 175 -8.80 -11.84 1.57
CA ALA A 175 -9.11 -12.15 0.18
C ALA A 175 -10.57 -12.49 -0.03
N SER A 176 -11.30 -12.84 1.03
CA SER A 176 -12.74 -13.05 0.90
C SER A 176 -13.46 -11.75 0.57
N HIS A 177 -12.83 -10.60 0.80
CA HIS A 177 -13.41 -9.30 0.50
C HIS A 177 -13.03 -8.77 -0.86
N TRP A 178 -12.10 -9.42 -1.56
CA TRP A 178 -11.65 -8.88 -2.84
C TRP A 178 -12.76 -8.71 -3.84
N PRO A 179 -13.71 -9.65 -4.01
CA PRO A 179 -14.76 -9.42 -5.02
C PRO A 179 -15.52 -8.14 -4.78
N GLU A 180 -15.75 -7.76 -3.52
CA GLU A 180 -16.46 -6.54 -3.23
C GLU A 180 -15.55 -5.31 -3.26
N LEU A 181 -14.26 -5.48 -2.94
CA LEU A 181 -13.34 -4.34 -2.95
C LEU A 181 -12.90 -3.95 -4.34
N LEU A 182 -12.69 -4.91 -5.24
CA LEU A 182 -12.10 -4.60 -6.55
C LEU A 182 -12.81 -3.49 -7.28
N PRO A 183 -14.13 -3.48 -7.38
CA PRO A 183 -14.80 -2.41 -8.13
C PRO A 183 -14.67 -1.04 -7.50
N LEU A 184 -14.28 -0.96 -6.23
CA LEU A 184 -14.14 0.30 -5.52
C LEU A 184 -12.73 0.88 -5.59
N VAL A 185 -11.74 0.08 -6.00
CA VAL A 185 -10.35 0.48 -5.82
C VAL A 185 -9.57 0.35 -7.13
N ASP A 186 -8.43 1.04 -7.15
CA ASP A 186 -7.47 0.94 -8.24
C ASP A 186 -6.42 -0.12 -7.99
N GLY A 187 -6.24 -0.55 -6.76
CA GLY A 187 -5.25 -1.57 -6.47
C GLY A 187 -5.51 -2.23 -5.13
N ILE A 188 -5.21 -3.53 -5.06
CA ILE A 188 -5.26 -4.31 -3.83
C ILE A 188 -3.87 -4.92 -3.62
N THR A 189 -3.23 -4.58 -2.52
CA THR A 189 -2.04 -5.29 -2.08
C THR A 189 -2.48 -6.47 -1.24
N SER A 190 -2.06 -7.65 -1.65
CA SER A 190 -2.18 -8.85 -0.83
C SER A 190 -0.94 -8.98 0.05
N MET A 191 -1.13 -8.97 1.36
CA MET A 191 -0.01 -9.01 2.29
C MET A 191 0.56 -10.41 2.48
N GLY A 192 0.86 -11.09 1.38
CA GLY A 192 1.33 -12.47 1.47
C GLY A 192 2.78 -12.55 1.88
N TYR A 193 3.63 -11.74 1.28
CA TYR A 193 5.05 -11.66 1.64
C TYR A 193 5.64 -13.07 1.57
N GLU A 194 6.36 -13.53 2.58
CA GLU A 194 7.04 -14.80 2.48
C GLU A 194 6.08 -15.98 2.42
N GLU A 195 4.78 -15.78 2.66
CA GLU A 195 3.83 -16.88 2.63
C GLU A 195 3.22 -17.11 1.25
N THR A 196 3.39 -16.20 0.30
CA THR A 196 2.87 -16.39 -1.05
C THR A 196 4.03 -16.44 -2.02
N GLY A 197 3.87 -17.22 -3.09
CA GLY A 197 4.90 -17.34 -4.11
C GLY A 197 4.43 -18.24 -5.22
N ILE A 198 5.22 -18.28 -6.28
CA ILE A 198 4.93 -19.19 -7.40
C ILE A 198 4.59 -20.57 -6.88
N ASN A 199 5.39 -21.05 -5.94
CA ASN A 199 5.35 -22.44 -5.54
C ASN A 199 4.62 -22.65 -4.23
N ALA A 200 4.03 -21.62 -3.64
CA ALA A 200 3.13 -21.86 -2.53
C ALA A 200 1.90 -22.64 -3.02
N THR A 201 1.05 -23.02 -2.07
CA THR A 201 -0.06 -23.93 -2.33
C THR A 201 -1.40 -23.22 -2.28
N GLY A 202 -2.28 -23.58 -3.21
CA GLY A 202 -3.67 -23.19 -3.08
C GLY A 202 -3.84 -21.69 -3.18
N ASP A 203 -4.65 -21.14 -2.27
CA ASP A 203 -4.92 -19.70 -2.31
C ASP A 203 -3.65 -18.88 -2.17
N LEU A 204 -2.60 -19.44 -1.59
CA LEU A 204 -1.36 -18.70 -1.39
C LEU A 204 -0.38 -18.84 -2.55
N SER A 205 -0.61 -19.76 -3.48
CA SER A 205 0.19 -19.74 -4.70
C SER A 205 -0.13 -18.45 -5.46
N TYR A 206 0.82 -17.97 -6.26
CA TYR A 206 0.54 -16.77 -7.04
C TYR A 206 -0.62 -17.00 -8.00
N ALA A 207 -0.74 -18.22 -8.54
CA ALA A 207 -1.90 -18.51 -9.38
C ALA A 207 -3.17 -18.41 -8.57
N GLY A 208 -3.13 -18.90 -7.34
CA GLY A 208 -4.31 -18.83 -6.49
C GLY A 208 -4.66 -17.42 -6.08
N GLN A 209 -3.64 -16.59 -5.84
CA GLN A 209 -3.86 -15.17 -5.55
C GLN A 209 -4.57 -14.49 -6.73
N LYS A 210 -4.04 -14.69 -7.93
CA LYS A 210 -4.62 -14.08 -9.11
C LYS A 210 -6.06 -14.57 -9.31
N SER A 211 -6.29 -15.85 -9.05
CA SER A 211 -7.63 -16.40 -9.22
C SER A 211 -8.63 -15.74 -8.28
N MET A 212 -8.21 -15.43 -7.04
CA MET A 212 -9.10 -14.77 -6.10
C MET A 212 -9.43 -13.34 -6.52
N ALA A 213 -8.61 -12.73 -7.37
CA ALA A 213 -8.86 -11.41 -7.90
C ALA A 213 -9.48 -11.43 -9.30
N ALA A 214 -10.31 -12.46 -9.61
CA ALA A 214 -10.56 -12.81 -11.01
C ALA A 214 -11.29 -11.74 -11.82
N GLY A 215 -12.12 -10.88 -11.21
CA GLY A 215 -12.83 -9.90 -12.01
C GLY A 215 -11.93 -8.85 -12.63
N ALA A 216 -10.80 -8.59 -12.01
CA ALA A 216 -9.89 -7.52 -12.38
C ALA A 216 -8.51 -7.79 -11.80
N PRO A 217 -7.85 -8.86 -12.21
CA PRO A 217 -6.59 -9.23 -11.57
C PRO A 217 -5.45 -8.25 -11.82
N GLU A 218 -5.55 -7.39 -12.84
CA GLU A 218 -4.52 -6.39 -13.04
C GLU A 218 -4.46 -5.41 -11.88
N LYS A 219 -5.48 -5.38 -11.02
CA LYS A 219 -5.46 -4.53 -9.84
C LYS A 219 -4.75 -5.17 -8.66
N LEU A 220 -4.44 -6.46 -8.73
CA LEU A 220 -3.77 -7.12 -7.64
C LEU A 220 -2.28 -6.77 -7.64
N MET A 221 -1.74 -6.53 -6.46
CA MET A 221 -0.31 -6.39 -6.26
CA MET A 221 -0.32 -6.37 -6.25
C MET A 221 0.12 -7.43 -5.24
N LEU A 222 1.01 -8.31 -5.66
CA LEU A 222 1.54 -9.33 -4.77
C LEU A 222 2.54 -8.71 -3.80
N GLY A 223 2.31 -8.87 -2.51
CA GLY A 223 3.18 -8.31 -1.51
C GLY A 223 4.46 -9.11 -1.40
N MET A 224 5.61 -8.44 -1.57
CA MET A 224 6.92 -9.07 -1.50
C MET A 224 7.79 -8.34 -0.50
N PRO A 225 8.62 -9.07 0.26
CA PRO A 225 9.37 -8.45 1.36
C PRO A 225 10.79 -8.06 0.97
N ASP A 226 11.18 -6.84 1.40
CA ASP A 226 12.48 -6.30 1.03
C ASP A 226 13.65 -6.96 1.74
N HIS A 227 13.40 -7.66 2.86
CA HIS A 227 14.50 -8.16 3.67
C HIS A 227 14.94 -9.56 3.29
N LEU A 228 14.29 -10.19 2.31
CA LEU A 228 14.60 -11.55 1.91
C LEU A 228 15.09 -11.59 0.47
N ASP A 229 15.99 -12.54 0.18
CA ASP A 229 16.44 -12.74 -1.19
C ASP A 229 15.63 -13.79 -1.93
N SER A 230 14.76 -14.52 -1.24
CA SER A 230 14.04 -15.65 -1.79
C SER A 230 13.01 -16.07 -0.76
N TRP A 231 11.95 -16.72 -1.23
CA TRP A 231 10.96 -17.32 -0.35
C TRP A 231 10.15 -18.30 -1.18
N GLN A 232 9.61 -19.31 -0.52
CA GLN A 232 8.78 -20.31 -1.21
C GLN A 232 9.52 -20.96 -2.37
N GLY A 233 10.83 -21.08 -2.29
CA GLY A 233 11.56 -21.80 -3.31
C GLY A 233 11.85 -21.02 -4.57
N SER A 234 11.66 -19.71 -4.56
CA SER A 234 11.99 -18.88 -5.70
C SER A 234 12.75 -17.65 -5.23
N SER A 235 13.62 -17.14 -6.10
CA SER A 235 14.30 -15.89 -5.83
C SER A 235 13.35 -14.72 -5.92
N ALA A 236 13.75 -13.61 -5.30
CA ALA A 236 12.96 -12.40 -5.41
C ALA A 236 12.70 -12.02 -6.86
N LEU A 237 13.74 -12.10 -7.70
CA LEU A 237 13.59 -11.79 -9.12
CA LEU A 237 13.58 -11.79 -9.11
C LEU A 237 12.58 -12.72 -9.77
N GLN A 238 12.65 -14.02 -9.47
CA GLN A 238 11.70 -14.95 -10.06
C GLN A 238 10.27 -14.62 -9.66
N GLN A 239 10.05 -14.25 -8.40
CA GLN A 239 8.71 -13.87 -7.97
C GLN A 239 8.21 -12.67 -8.74
N VAL A 240 9.05 -11.63 -8.88
CA VAL A 240 8.69 -10.45 -9.65
C VAL A 240 8.42 -10.83 -11.10
N GLU A 241 9.24 -11.70 -11.67
CA GLU A 241 9.04 -12.09 -13.06
C GLU A 241 7.74 -12.86 -13.25
N TRP A 242 7.28 -13.61 -12.23
CA TRP A 242 5.96 -14.22 -12.34
C TRP A 242 4.90 -13.15 -12.48
N ALA A 243 4.98 -12.11 -11.63
CA ALA A 243 4.02 -11.02 -11.73
C ALA A 243 4.04 -10.43 -13.12
N GLN A 244 5.23 -10.16 -13.65
CA GLN A 244 5.36 -9.61 -14.99
C GLN A 244 4.69 -10.52 -16.02
N ASP A 245 4.95 -11.82 -15.92
CA ASP A 245 4.50 -12.78 -16.93
C ASP A 245 3.01 -13.05 -16.84
N ASN A 246 2.39 -12.75 -15.70
CA ASN A 246 0.99 -13.09 -15.47
C ASN A 246 0.09 -11.89 -15.24
N GLY A 247 0.55 -10.68 -15.55
CA GLY A 247 -0.34 -9.55 -15.64
C GLY A 247 -0.82 -8.98 -14.33
N VAL A 248 -0.09 -9.16 -13.25
CA VAL A 248 -0.42 -8.55 -11.97
C VAL A 248 0.74 -7.63 -11.57
N GLY A 249 0.51 -6.88 -10.48
CA GLY A 249 1.50 -5.94 -9.99
C GLY A 249 2.24 -6.45 -8.78
N VAL A 250 3.01 -5.55 -8.18
CA VAL A 250 3.91 -5.88 -7.09
C VAL A 250 3.81 -4.79 -6.03
N ALA A 251 3.78 -5.22 -4.76
CA ALA A 251 3.77 -4.35 -3.59
C ALA A 251 5.03 -4.71 -2.79
N LEU A 252 5.96 -3.78 -2.69
CA LEU A 252 7.23 -4.03 -2.02
C LEU A 252 7.18 -3.42 -0.62
N TRP A 253 7.15 -4.26 0.40
CA TRP A 253 7.25 -3.83 1.77
C TRP A 253 8.67 -4.17 2.22
N ASP A 254 9.58 -3.21 2.41
CA ASP A 254 9.35 -1.78 2.27
C ASP A 254 10.60 -1.10 1.71
N MET A 255 10.60 0.22 1.71
CA MET A 255 11.64 1.00 1.05
C MET A 255 12.94 1.02 1.82
N GLN A 256 13.06 0.27 2.93
CA GLN A 256 14.36 0.11 3.54
C GLN A 256 15.30 -0.72 2.66
N LEU A 257 14.77 -1.49 1.71
CA LEU A 257 15.56 -2.26 0.75
C LEU A 257 16.72 -2.98 1.43
N ARG A 258 16.38 -3.79 2.44
CA ARG A 258 17.40 -4.30 3.34
C ARG A 258 18.26 -5.41 2.74
N ASN A 259 17.68 -6.27 1.91
CA ASN A 259 18.42 -7.35 1.29
C ASN A 259 19.02 -6.87 -0.02
N GLU A 260 20.25 -7.30 -0.30
CA GLU A 260 20.90 -6.92 -1.55
C GLU A 260 20.12 -7.37 -2.78
N ALA A 261 19.27 -8.39 -2.64
CA ALA A 261 18.45 -8.80 -3.77
C ALA A 261 17.58 -7.66 -4.28
N TRP A 262 17.25 -6.68 -3.42
CA TRP A 262 16.44 -5.55 -3.82
C TRP A 262 17.27 -4.30 -4.12
N GLN A 263 18.59 -4.46 -4.24
CA GLN A 263 19.54 -3.40 -4.59
C GLN A 263 20.25 -3.73 -5.89
N ARG A 264 19.57 -4.40 -6.79
CA ARG A 264 20.21 -4.88 -8.01
C ARG A 264 19.41 -4.45 -9.22
N ARG A 265 20.13 -4.31 -10.32
CA ARG A 265 19.54 -3.75 -11.54
C ARG A 265 18.37 -4.58 -12.04
N ASP A 266 18.55 -5.91 -12.12
CA ASP A 266 17.63 -6.71 -12.91
C ASP A 266 16.22 -6.70 -12.30
N ILE A 267 16.11 -6.70 -10.98
CA ILE A 267 14.79 -6.72 -10.36
C ILE A 267 14.10 -5.37 -10.54
N TRP A 268 14.84 -4.26 -10.44
CA TRP A 268 14.26 -2.94 -10.69
C TRP A 268 13.95 -2.74 -12.16
N LYS A 269 14.74 -3.33 -13.06
CA LYS A 269 14.38 -3.30 -14.47
C LYS A 269 13.06 -4.04 -14.71
N ALA A 270 12.90 -5.22 -14.10
CA ALA A 270 11.65 -5.96 -14.25
C ALA A 270 10.48 -5.16 -13.71
N LEU A 271 10.64 -4.56 -12.53
CA LEU A 271 9.57 -3.72 -11.98
C LEU A 271 9.25 -2.57 -12.92
N SER A 272 10.27 -1.98 -13.53
CA SER A 272 10.01 -0.89 -14.47
CA SER A 272 10.05 -0.90 -14.49
C SER A 272 9.22 -1.36 -15.67
N GLU A 273 9.43 -2.61 -16.11
CA GLU A 273 8.68 -3.14 -17.24
C GLU A 273 7.24 -3.47 -16.84
N ILE A 274 7.04 -3.97 -15.63
CA ILE A 274 5.69 -4.16 -15.11
C ILE A 274 4.98 -2.82 -15.05
N ARG A 275 5.66 -1.80 -14.55
CA ARG A 275 5.01 -0.52 -14.30
C ARG A 275 4.67 0.19 -15.59
N GLY A 276 5.63 0.24 -16.51
CA GLY A 276 5.50 1.01 -17.73
C GLY A 276 5.67 2.50 -17.50
N PRO A 277 5.60 3.27 -18.58
CA PRO A 277 5.82 4.72 -18.50
C PRO A 277 4.71 5.44 -17.75
N LEU A 278 5.07 6.57 -17.14
CA LEU A 278 4.14 7.36 -16.37
C LEU A 278 3.98 8.78 -16.86
N GLY A 279 4.91 9.30 -17.65
CA GLY A 279 4.84 10.69 -17.99
C GLY A 279 6.21 11.30 -18.02
N THR A 280 6.30 12.52 -18.55
CA THR A 280 7.58 13.17 -18.71
C THR A 280 8.28 13.34 -17.36
N THR A 281 9.56 13.00 -17.33
CA THR A 281 10.36 13.24 -16.15
C THR A 281 10.87 14.67 -16.17
N TYR A 282 10.64 15.39 -15.07
CA TYR A 282 11.15 16.74 -14.84
C TYR A 282 11.83 16.69 -13.47
N THR A 283 13.13 16.42 -13.46
CA THR A 283 13.88 16.47 -12.21
C THR A 283 14.18 17.92 -11.86
C1 EDO B . 0.81 -3.94 -14.20
O1 EDO B . 1.27 -2.80 -13.43
C2 EDO B . -0.33 -4.68 -13.49
O2 EDO B . -1.47 -3.81 -13.34
H11 EDO B . 0.46 -3.60 -15.17
H12 EDO B . 1.64 -4.62 -14.36
H21 EDO B . 0.00 -5.02 -12.51
H22 EDO B . -0.62 -5.56 -14.07
C1 EDO C . 1.44 -3.22 3.72
O1 EDO C . 1.77 -4.53 4.19
C2 EDO C . 0.42 -2.61 4.65
O2 EDO C . 1.07 -2.25 5.89
H11 EDO C . 2.34 -2.60 3.71
H12 EDO C . 1.04 -3.26 2.71
H21 EDO C . -0.37 -3.32 4.85
H22 EDO C . -0.02 -1.73 4.19
#